data_1YPX
#
_entry.id   1YPX
#
_cell.length_a   139.109
_cell.length_b   139.109
_cell.length_c   38.535
_cell.angle_alpha   90.00
_cell.angle_beta   90.00
_cell.angle_gamma   90.00
#
_symmetry.space_group_name_H-M   'I 41'
#
loop_
_entity.id
_entity.type
_entity.pdbx_description
1 polymer 'putative vitamin-B12 independent methionine synthase family protein'
2 non-polymer 'PHOSPHATE ION'
3 water water
#
_entity_poly.entity_id   1
_entity_poly.type   'polypeptide(L)'
_entity_poly.pdbx_seq_one_letter_code
;(MSE)NQVAPFYADHVGSILRTKGIKDAREKFQSGEITALELRKIENTEIKYIVEKQKEVGLKSITDGEFRRAWWHFDFL
ENLDGVEGYDAAGGIQFSKVQTKSHSVKITGPIDFTTHPFIEDFIFLKEAVGDNHVAKQTIPSPA(MSE)LHYRGDIEYQ
PYLDDAEKFANDLATAYQKAIQAFYDAGCRYLQLDDTSWSYLCSDEQREVVRQRGFDPETLQETYKNLINEAIKHKPAD
(MSE)VIT(MSE)HICRGNFRSTWIAEGGYGPVAETLFGKLNIDGFFLEYDNERSGDFAPLKYVTRPDLKIVLGLITSKT
GELEDEAAIKARIEEASEIVPLSQLRLSPQCGFASTEEGNILTEEEQWDKLRYVVRLANDIWGELEHHHHHH
;
_entity_poly.pdbx_strand_id   A
#
loop_
_chem_comp.id
_chem_comp.type
_chem_comp.name
_chem_comp.formula
PO4 non-polymer 'PHOSPHATE ION' 'O4 P -3'
#
# COMPACT_ATOMS: atom_id res chain seq x y z
N ASN A 2 15.80 8.53 -11.45
CA ASN A 2 16.23 7.33 -10.68
C ASN A 2 15.97 7.50 -9.18
N GLN A 3 16.04 6.38 -8.48
CA GLN A 3 15.83 6.32 -7.04
C GLN A 3 15.88 4.87 -6.57
N VAL A 4 15.65 4.68 -5.29
CA VAL A 4 15.68 3.35 -4.71
C VAL A 4 14.33 3.01 -4.07
N ALA A 5 14.05 3.60 -2.90
CA ALA A 5 12.80 3.35 -2.20
C ALA A 5 11.67 3.96 -3.04
N PRO A 6 10.67 4.62 -2.42
CA PRO A 6 9.66 5.16 -3.33
C PRO A 6 10.33 6.22 -4.22
N PHE A 7 10.00 6.22 -5.51
CA PHE A 7 10.60 7.17 -6.45
C PHE A 7 9.86 8.50 -6.48
N TYR A 8 10.56 9.54 -6.94
CA TYR A 8 9.96 10.87 -7.03
C TYR A 8 8.58 10.81 -7.66
N ALA A 9 8.42 9.96 -8.67
CA ALA A 9 7.13 9.77 -9.33
C ALA A 9 6.78 8.32 -9.03
N ASP A 10 5.92 8.12 -8.05
CA ASP A 10 5.52 6.79 -7.63
C ASP A 10 3.99 6.78 -7.54
N HIS A 11 3.40 5.64 -7.19
CA HIS A 11 1.95 5.54 -7.07
C HIS A 11 1.55 4.48 -6.06
N VAL A 12 0.39 4.68 -5.43
CA VAL A 12 -0.10 3.75 -4.41
C VAL A 12 -0.11 2.30 -4.87
N GLY A 13 -0.64 2.05 -6.07
CA GLY A 13 -0.67 0.69 -6.58
C GLY A 13 -1.89 0.19 -7.33
N SER A 14 -3.09 0.38 -6.80
CA SER A 14 -4.26 -0.13 -7.53
C SER A 14 -4.51 0.64 -8.82
N ILE A 15 -4.90 -0.10 -9.85
CA ILE A 15 -5.21 0.47 -11.16
C ILE A 15 -6.65 0.11 -11.54
N LEU A 16 -7.28 0.96 -12.34
CA LEU A 16 -8.65 0.75 -12.80
C LEU A 16 -8.86 -0.57 -13.54
N ARG A 17 -9.88 -1.32 -13.16
CA ARG A 17 -10.16 -2.60 -13.81
C ARG A 17 -10.62 -2.41 -15.25
N THR A 18 -9.98 -3.10 -16.20
CA THR A 18 -10.37 -2.98 -17.60
C THR A 18 -11.63 -3.79 -17.85
N LYS A 19 -12.15 -3.72 -19.08
CA LYS A 19 -13.35 -4.47 -19.41
C LYS A 19 -13.01 -5.96 -19.52
N GLY A 20 -11.77 -6.28 -19.87
CA GLY A 20 -11.38 -7.67 -19.96
C GLY A 20 -11.50 -8.34 -18.59
N ILE A 21 -10.94 -7.69 -17.57
CA ILE A 21 -11.01 -8.22 -16.22
C ILE A 21 -12.42 -8.05 -15.67
N LYS A 22 -13.11 -7.02 -16.14
CA LYS A 22 -14.47 -6.75 -15.67
C LYS A 22 -15.40 -7.88 -16.12
N ASP A 23 -15.40 -8.14 -17.42
CA ASP A 23 -16.22 -9.18 -18.04
C ASP A 23 -15.92 -10.55 -17.45
N ALA A 24 -14.63 -10.86 -17.36
CA ALA A 24 -14.18 -12.13 -16.81
C ALA A 24 -14.71 -12.36 -15.40
N ARG A 25 -14.42 -11.45 -14.47
CA ARG A 25 -14.89 -11.62 -13.09
C ARG A 25 -16.39 -11.87 -13.01
N GLU A 26 -17.11 -11.48 -14.06
CA GLU A 26 -18.55 -11.68 -14.07
C GLU A 26 -18.92 -13.11 -14.47
N LYS A 27 -18.32 -13.61 -15.55
CA LYS A 27 -18.57 -14.98 -16.01
C LYS A 27 -18.17 -16.00 -14.94
N PHE A 28 -17.16 -15.65 -14.16
CA PHE A 28 -16.69 -16.54 -13.10
C PHE A 28 -17.79 -16.83 -12.08
N GLN A 29 -18.26 -15.78 -11.40
CA GLN A 29 -19.31 -15.93 -10.41
C GLN A 29 -20.59 -16.41 -11.09
N SER A 30 -20.64 -16.25 -12.41
CA SER A 30 -21.78 -16.69 -13.21
C SER A 30 -21.76 -18.19 -13.38
N GLY A 31 -20.55 -18.74 -13.47
CA GLY A 31 -20.37 -20.18 -13.62
C GLY A 31 -19.90 -20.54 -15.01
N GLU A 32 -19.82 -19.54 -15.89
CA GLU A 32 -19.38 -19.77 -17.26
C GLU A 32 -17.89 -20.08 -17.34
N ILE A 33 -17.11 -19.39 -16.52
CA ILE A 33 -15.67 -19.60 -16.50
C ILE A 33 -15.26 -20.19 -15.17
N THR A 34 -14.13 -20.87 -15.15
CA THR A 34 -13.64 -21.49 -13.94
C THR A 34 -12.53 -20.65 -13.31
N ALA A 35 -12.28 -20.87 -12.02
CA ALA A 35 -11.26 -20.15 -11.28
C ALA A 35 -9.93 -20.33 -12.00
N LEU A 36 -9.67 -21.58 -12.37
CA LEU A 36 -8.45 -21.94 -13.09
C LEU A 36 -8.44 -21.37 -14.50
N GLU A 37 -9.55 -20.79 -14.93
CA GLU A 37 -9.65 -20.22 -16.29
C GLU A 37 -9.61 -18.69 -16.24
N LEU A 38 -10.21 -18.13 -15.20
CA LEU A 38 -10.24 -16.69 -14.96
C LEU A 38 -8.84 -16.14 -14.78
N ARG A 39 -7.93 -16.99 -14.32
CA ARG A 39 -6.57 -16.53 -14.09
C ARG A 39 -5.85 -16.11 -15.35
N LYS A 40 -6.07 -16.86 -16.43
CA LYS A 40 -5.43 -16.55 -17.71
C LYS A 40 -5.75 -15.13 -18.13
N ILE A 41 -7.03 -14.81 -18.24
CA ILE A 41 -7.40 -13.46 -18.65
C ILE A 41 -6.71 -12.44 -17.74
N GLU A 42 -6.81 -12.64 -16.43
CA GLU A 42 -6.17 -11.75 -15.47
C GLU A 42 -4.72 -11.58 -15.89
N ASN A 43 -4.09 -12.68 -16.26
CA ASN A 43 -2.70 -12.68 -16.68
C ASN A 43 -2.46 -11.78 -17.89
N THR A 44 -3.41 -11.82 -18.82
CA THR A 44 -3.37 -11.02 -20.04
C THR A 44 -3.59 -9.56 -19.66
N GLU A 45 -4.63 -9.33 -18.87
CA GLU A 45 -4.96 -7.98 -18.44
C GLU A 45 -3.83 -7.33 -17.66
N ILE A 46 -3.32 -8.04 -16.66
CA ILE A 46 -2.23 -7.53 -15.84
C ILE A 46 -1.09 -7.13 -16.78
N LYS A 47 -0.71 -8.05 -17.66
CA LYS A 47 0.37 -7.78 -18.61
C LYS A 47 0.12 -6.46 -19.35
N TYR A 48 -1.12 -6.25 -19.76
CA TYR A 48 -1.47 -5.02 -20.46
C TYR A 48 -1.22 -3.78 -19.59
N ILE A 49 -1.60 -3.82 -18.32
CA ILE A 49 -1.38 -2.67 -17.43
C ILE A 49 0.10 -2.51 -17.03
N VAL A 50 0.85 -3.62 -17.08
CA VAL A 50 2.27 -3.59 -16.75
C VAL A 50 2.98 -2.69 -17.75
N GLU A 51 2.74 -2.91 -19.05
CA GLU A 51 3.39 -2.09 -20.06
C GLU A 51 2.96 -0.64 -19.97
N LYS A 52 1.67 -0.40 -19.76
CA LYS A 52 1.14 0.95 -19.66
C LYS A 52 1.80 1.79 -18.55
N GLN A 53 2.11 1.16 -17.42
CA GLN A 53 2.75 1.86 -16.33
C GLN A 53 4.16 2.24 -16.78
N LYS A 54 4.71 1.43 -17.68
CA LYS A 54 6.05 1.70 -18.19
C LYS A 54 6.00 2.77 -19.28
N GLU A 55 4.98 2.73 -20.13
CA GLU A 55 4.84 3.72 -21.18
C GLU A 55 4.50 5.12 -20.64
N VAL A 56 4.07 5.21 -19.37
CA VAL A 56 3.78 6.52 -18.80
C VAL A 56 5.03 7.08 -18.16
N GLY A 57 5.97 6.20 -17.82
CA GLY A 57 7.22 6.66 -17.23
C GLY A 57 7.49 6.12 -15.85
N LEU A 58 6.46 5.51 -15.28
CA LEU A 58 6.55 4.93 -13.94
C LEU A 58 7.72 3.97 -13.82
N LYS A 59 8.35 3.95 -12.65
CA LYS A 59 9.47 3.05 -12.43
C LYS A 59 8.96 1.86 -11.63
N SER A 60 8.07 2.12 -10.69
CA SER A 60 7.48 1.06 -9.88
C SER A 60 6.24 0.59 -10.64
N ILE A 61 6.09 -0.73 -10.76
CA ILE A 61 4.97 -1.33 -11.47
C ILE A 61 4.22 -2.33 -10.58
N THR A 62 2.88 -2.30 -10.64
CA THR A 62 2.04 -3.20 -9.83
C THR A 62 1.16 -4.08 -10.73
N ASP A 63 0.29 -4.86 -10.12
CA ASP A 63 -0.59 -5.68 -10.93
C ASP A 63 -1.99 -5.07 -10.84
N GLY A 64 -2.02 -3.81 -10.40
CA GLY A 64 -3.25 -3.05 -10.26
C GLY A 64 -4.28 -3.68 -9.35
N GLU A 65 -3.83 -4.66 -8.56
CA GLU A 65 -4.69 -5.39 -7.64
C GLU A 65 -5.86 -6.01 -8.35
N PHE A 66 -5.64 -6.29 -9.64
CA PHE A 66 -6.62 -6.88 -10.53
C PHE A 66 -7.19 -8.23 -10.08
N ARG A 67 -6.40 -9.02 -9.37
CA ARG A 67 -6.89 -10.31 -8.92
C ARG A 67 -7.66 -10.13 -7.63
N ARG A 68 -7.71 -8.89 -7.16
CA ARG A 68 -8.42 -8.53 -5.93
C ARG A 68 -7.82 -9.26 -4.75
N TRP A 71 -6.41 -7.45 -3.06
CA TRP A 71 -5.24 -7.38 -2.19
C TRP A 71 -5.55 -6.91 -0.76
N HIS A 72 -6.40 -7.63 -0.05
CA HIS A 72 -6.73 -7.22 1.31
C HIS A 72 -7.28 -8.38 2.10
N PHE A 73 -8.59 -8.55 2.01
CA PHE A 73 -9.24 -9.62 2.71
C PHE A 73 -8.85 -10.95 2.07
N ASP A 74 -8.42 -10.90 0.80
CA ASP A 74 -7.96 -12.10 0.09
C ASP A 74 -6.61 -12.50 0.68
N PHE A 75 -5.82 -11.50 1.06
CA PHE A 75 -4.53 -11.77 1.63
C PHE A 75 -4.72 -12.32 3.03
N LEU A 76 -5.63 -11.71 3.78
CA LEU A 76 -5.88 -12.13 5.16
C LEU A 76 -6.56 -13.50 5.29
N GLU A 77 -7.66 -13.69 4.56
CA GLU A 77 -8.39 -14.94 4.59
C GLU A 77 -7.49 -16.10 4.16
N ASN A 78 -6.32 -15.80 3.62
CA ASN A 78 -5.38 -16.82 3.19
C ASN A 78 -4.29 -17.04 4.22
N LEU A 79 -4.53 -16.57 5.43
CA LEU A 79 -3.59 -16.77 6.50
C LEU A 79 -4.23 -17.85 7.37
N ASP A 80 -3.41 -18.80 7.83
CA ASP A 80 -3.91 -19.88 8.68
C ASP A 80 -4.57 -19.25 9.91
N GLY A 81 -5.68 -19.81 10.36
CA GLY A 81 -6.38 -19.31 11.52
C GLY A 81 -7.38 -18.20 11.20
N VAL A 82 -7.46 -17.83 9.93
CA VAL A 82 -8.37 -16.78 9.46
C VAL A 82 -9.20 -17.30 8.30
N GLU A 83 -10.43 -16.80 8.16
CA GLU A 83 -11.31 -17.22 7.08
C GLU A 83 -12.54 -16.31 7.00
N GLY A 84 -12.83 -15.82 5.79
CA GLY A 84 -13.96 -14.94 5.59
C GLY A 84 -15.29 -15.65 5.83
N TYR A 85 -16.33 -14.86 6.08
CA TYR A 85 -17.67 -15.40 6.33
C TYR A 85 -18.70 -14.28 6.46
N SER A 102 -16.70 -9.84 6.68
CA SER A 102 -15.41 -9.59 7.31
C SER A 102 -14.63 -10.89 7.46
N VAL A 103 -13.47 -10.81 8.12
CA VAL A 103 -12.62 -11.98 8.37
C VAL A 103 -12.75 -12.42 9.83
N LYS A 104 -12.93 -13.72 10.01
CA LYS A 104 -13.06 -14.31 11.35
C LYS A 104 -11.74 -14.97 11.73
N ILE A 105 -11.25 -14.72 12.93
CA ILE A 105 -10.03 -15.36 13.38
C ILE A 105 -10.52 -16.50 14.25
N THR A 106 -10.46 -17.73 13.72
CA THR A 106 -10.93 -18.90 14.46
C THR A 106 -9.84 -19.87 14.87
N GLY A 107 -8.60 -19.55 14.58
CA GLY A 107 -7.53 -20.45 14.96
C GLY A 107 -6.24 -19.68 15.05
N PRO A 108 -5.14 -20.34 15.45
CA PRO A 108 -3.83 -19.70 15.58
C PRO A 108 -3.29 -19.12 14.27
N ILE A 109 -3.06 -17.81 14.25
CA ILE A 109 -2.56 -17.08 13.08
C ILE A 109 -1.23 -17.64 12.57
N ASP A 110 -1.13 -17.86 11.26
CA ASP A 110 0.12 -18.36 10.71
C ASP A 110 0.20 -18.20 9.20
N PHE A 111 1.40 -18.36 8.67
CA PHE A 111 1.64 -18.23 7.25
C PHE A 111 2.43 -19.45 6.78
N THR A 112 2.01 -20.03 5.66
CA THR A 112 2.69 -21.20 5.13
C THR A 112 2.80 -21.11 3.62
N THR A 113 1.64 -21.17 2.98
CA THR A 113 1.59 -21.08 1.53
C THR A 113 0.47 -20.13 1.16
N HIS A 114 0.84 -18.94 0.71
CA HIS A 114 -0.13 -17.94 0.31
C HIS A 114 -0.15 -17.82 -1.21
N PRO A 115 -1.33 -17.54 -1.80
CA PRO A 115 -1.47 -17.40 -3.26
C PRO A 115 -0.78 -16.15 -3.80
N PHE A 116 -0.56 -15.17 -2.92
CA PHE A 116 0.10 -13.93 -3.31
C PHE A 116 1.54 -14.12 -3.74
N ILE A 117 2.13 -15.26 -3.39
CA ILE A 117 3.52 -15.54 -3.75
C ILE A 117 3.72 -15.76 -5.25
N GLU A 118 2.82 -16.53 -5.87
CA GLU A 118 2.89 -16.81 -7.32
C GLU A 118 2.42 -15.57 -8.05
N ASP A 119 1.45 -14.84 -7.47
CA ASP A 119 0.96 -13.63 -8.15
C ASP A 119 2.12 -12.62 -8.24
N PHE A 120 3.04 -12.66 -7.29
CA PHE A 120 4.17 -11.74 -7.34
C PHE A 120 5.15 -12.21 -8.41
N ILE A 121 5.54 -13.48 -8.33
CA ILE A 121 6.44 -14.09 -9.29
C ILE A 121 5.92 -13.74 -10.70
N PHE A 122 4.61 -13.82 -10.89
CA PHE A 122 4.05 -13.49 -12.20
C PHE A 122 4.32 -12.04 -12.56
N LEU A 123 3.96 -11.14 -11.65
CA LEU A 123 4.16 -9.72 -11.86
C LEU A 123 5.63 -9.47 -12.13
N LYS A 124 6.48 -9.94 -11.23
CA LYS A 124 7.92 -9.76 -11.35
C LYS A 124 8.36 -10.15 -12.75
N GLU A 125 7.80 -11.24 -13.26
CA GLU A 125 8.14 -11.73 -14.58
C GLU A 125 7.91 -10.64 -15.64
N ALA A 126 6.71 -10.07 -15.65
CA ALA A 126 6.33 -9.05 -16.61
C ALA A 126 7.03 -7.69 -16.47
N VAL A 127 7.51 -7.38 -15.27
CA VAL A 127 8.14 -6.10 -15.03
C VAL A 127 9.51 -5.98 -15.65
N GLY A 128 10.32 -7.01 -15.47
CA GLY A 128 11.66 -7.00 -16.03
C GLY A 128 12.71 -6.53 -15.05
N ASP A 129 13.92 -6.27 -15.55
CA ASP A 129 15.00 -5.83 -14.70
C ASP A 129 15.24 -4.35 -14.79
N ASN A 130 14.53 -3.69 -15.70
CA ASN A 130 14.68 -2.24 -15.87
C ASN A 130 13.66 -1.45 -15.04
N HIS A 131 12.88 -2.17 -14.24
CA HIS A 131 11.86 -1.56 -13.41
C HIS A 131 11.75 -2.35 -12.12
N VAL A 132 11.01 -1.83 -11.15
CA VAL A 132 10.84 -2.54 -9.88
C VAL A 132 9.39 -2.95 -9.64
N ALA A 133 9.19 -4.21 -9.27
CA ALA A 133 7.85 -4.71 -9.01
C ALA A 133 7.41 -4.30 -7.62
N LYS A 134 6.26 -3.64 -7.51
CA LYS A 134 5.74 -3.22 -6.22
C LYS A 134 4.57 -4.13 -5.81
N GLN A 135 4.61 -4.63 -4.58
CA GLN A 135 3.55 -5.50 -4.09
C GLN A 135 2.86 -4.81 -2.90
N THR A 136 1.53 -4.83 -2.88
CA THR A 136 0.79 -4.21 -1.79
C THR A 136 -0.04 -5.25 -1.03
N ILE A 137 0.00 -5.19 0.29
CA ILE A 137 -0.80 -6.08 1.10
C ILE A 137 -1.32 -5.21 2.23
N PRO A 138 -2.39 -5.63 2.90
CA PRO A 138 -2.90 -4.81 4.00
C PRO A 138 -1.93 -4.85 5.15
N SER A 139 -2.01 -3.84 5.98
CA SER A 139 -1.19 -3.70 7.17
C SER A 139 -1.62 -4.76 8.19
N PRO A 140 -0.69 -5.29 8.97
CA PRO A 140 -1.14 -6.28 9.95
C PRO A 140 -2.20 -5.73 10.91
N ALA A 141 -2.16 -4.43 11.18
CA ALA A 141 -3.12 -3.80 12.08
C ALA A 141 -4.50 -3.78 11.45
N MSE A 142 -4.58 -4.13 10.18
CA MSE A 142 -5.86 -4.15 9.48
C MSE A 142 -6.67 -5.38 9.89
O MSE A 142 -7.91 -5.37 9.82
CB MSE A 142 -5.63 -4.13 7.97
CG MSE A 142 -5.33 -2.75 7.42
SE MSE A 142 -6.95 -1.70 7.04
CE MSE A 142 -7.51 -1.24 8.83
N LEU A 143 -5.97 -6.43 10.33
CA LEU A 143 -6.63 -7.66 10.77
C LEU A 143 -7.16 -7.48 12.17
N HIS A 144 -6.36 -6.82 13.01
CA HIS A 144 -6.73 -6.56 14.38
C HIS A 144 -8.09 -5.85 14.44
N TYR A 145 -8.24 -4.81 13.64
CA TYR A 145 -9.48 -4.05 13.63
C TYR A 145 -10.62 -4.75 12.90
N ARG A 146 -10.59 -4.70 11.58
CA ARG A 146 -11.65 -5.31 10.77
C ARG A 146 -11.85 -6.80 10.98
N GLY A 147 -11.05 -7.38 11.88
CA GLY A 147 -11.17 -8.80 12.15
C GLY A 147 -11.85 -9.16 13.47
N ASP A 148 -12.80 -10.09 13.40
CA ASP A 148 -13.54 -10.51 14.58
C ASP A 148 -12.85 -11.69 15.25
N ILE A 149 -12.21 -11.44 16.38
CA ILE A 149 -11.51 -12.51 17.08
C ILE A 149 -12.50 -13.51 17.68
N GLU A 150 -12.31 -14.78 17.31
CA GLU A 150 -13.19 -15.84 17.78
C GLU A 150 -12.39 -16.88 18.57
N TYR A 151 -11.12 -17.04 18.21
CA TYR A 151 -10.24 -17.99 18.89
C TYR A 151 -10.34 -17.68 20.37
N GLN A 152 -10.22 -18.72 21.19
CA GLN A 152 -10.32 -18.54 22.63
C GLN A 152 -9.10 -17.87 23.23
N PRO A 153 -7.90 -18.42 22.97
CA PRO A 153 -6.73 -17.77 23.55
C PRO A 153 -6.55 -16.30 23.19
N TYR A 154 -6.53 -15.98 21.90
CA TYR A 154 -6.35 -14.58 21.50
C TYR A 154 -7.44 -13.75 22.17
N LEU A 155 -8.58 -14.37 22.38
CA LEU A 155 -9.70 -13.71 23.02
C LEU A 155 -9.43 -13.45 24.49
N ASP A 156 -8.55 -14.27 25.10
CA ASP A 156 -8.19 -14.15 26.52
C ASP A 156 -6.94 -13.31 26.74
N ASP A 157 -5.98 -13.46 25.84
CA ASP A 157 -4.75 -12.71 25.94
C ASP A 157 -4.47 -12.01 24.61
N ALA A 158 -4.52 -10.68 24.63
CA ALA A 158 -4.29 -9.89 23.43
C ALA A 158 -2.85 -9.96 22.94
N GLU A 159 -1.90 -9.95 23.87
CA GLU A 159 -0.48 -10.01 23.51
C GLU A 159 -0.24 -11.22 22.64
N LYS A 160 -0.84 -12.35 23.01
CA LYS A 160 -0.69 -13.59 22.26
C LYS A 160 -1.12 -13.37 20.81
N PHE A 161 -2.26 -12.72 20.61
CA PHE A 161 -2.78 -12.43 19.28
C PHE A 161 -1.80 -11.59 18.46
N ALA A 162 -1.34 -10.48 19.04
CA ALA A 162 -0.40 -9.59 18.36
C ALA A 162 0.90 -10.28 17.99
N ASN A 163 1.43 -11.09 18.89
CA ASN A 163 2.67 -11.80 18.60
C ASN A 163 2.58 -12.70 17.37
N ASP A 164 1.66 -13.65 17.37
CA ASP A 164 1.50 -14.58 16.25
C ASP A 164 1.29 -13.84 14.94
N LEU A 165 0.42 -12.83 14.96
CA LEU A 165 0.12 -12.05 13.78
C LEU A 165 1.39 -11.41 13.21
N ALA A 166 2.28 -10.94 14.09
CA ALA A 166 3.54 -10.33 13.67
C ALA A 166 4.49 -11.37 13.03
N THR A 167 4.55 -12.58 13.60
CA THR A 167 5.39 -13.64 13.05
C THR A 167 4.76 -14.06 11.73
N ALA A 168 3.44 -14.09 11.68
CA ALA A 168 2.77 -14.46 10.43
C ALA A 168 3.25 -13.47 9.37
N TYR A 169 3.46 -12.21 9.78
CA TYR A 169 3.93 -11.20 8.86
C TYR A 169 5.44 -11.28 8.59
N GLN A 170 6.23 -11.61 9.60
CA GLN A 170 7.68 -11.72 9.37
C GLN A 170 7.85 -12.81 8.31
N LYS A 171 7.16 -13.93 8.52
CA LYS A 171 7.23 -15.02 7.56
C LYS A 171 6.66 -14.61 6.20
N ALA A 172 5.60 -13.80 6.20
CA ALA A 172 4.98 -13.34 4.96
C ALA A 172 5.97 -12.52 4.14
N ILE A 173 6.56 -11.53 4.79
CA ILE A 173 7.52 -10.66 4.15
C ILE A 173 8.69 -11.46 3.58
N GLN A 174 9.20 -12.39 4.39
CA GLN A 174 10.31 -13.22 3.98
C GLN A 174 9.93 -13.98 2.72
N ALA A 175 8.73 -14.54 2.70
CA ALA A 175 8.29 -15.29 1.52
C ALA A 175 8.25 -14.40 0.28
N PHE A 176 7.86 -13.13 0.45
CA PHE A 176 7.82 -12.17 -0.66
C PHE A 176 9.24 -11.82 -1.08
N TYR A 177 10.09 -11.58 -0.08
CA TYR A 177 11.47 -11.25 -0.39
C TYR A 177 12.07 -12.39 -1.21
N ASP A 178 12.01 -13.59 -0.67
CA ASP A 178 12.55 -14.76 -1.36
C ASP A 178 12.04 -14.85 -2.78
N ALA A 179 10.78 -14.49 -2.98
CA ALA A 179 10.16 -14.53 -4.31
C ALA A 179 10.77 -13.45 -5.19
N GLY A 180 11.56 -12.58 -4.58
CA GLY A 180 12.21 -11.52 -5.30
C GLY A 180 11.62 -10.12 -5.16
N CYS A 181 10.85 -9.88 -4.11
CA CYS A 181 10.24 -8.57 -3.91
C CYS A 181 11.17 -7.64 -3.16
N ARG A 182 11.39 -6.45 -3.70
CA ARG A 182 12.27 -5.46 -3.07
C ARG A 182 11.54 -4.16 -2.80
N TYR A 183 10.22 -4.20 -2.95
CA TYR A 183 9.37 -3.04 -2.73
C TYR A 183 7.97 -3.53 -2.32
N LEU A 184 7.73 -3.54 -1.01
CA LEU A 184 6.46 -3.96 -0.41
C LEU A 184 5.76 -2.79 0.29
N GLN A 185 4.45 -2.68 0.09
CA GLN A 185 3.67 -1.62 0.68
C GLN A 185 2.50 -2.10 1.54
N LEU A 186 2.41 -1.53 2.73
CA LEU A 186 1.35 -1.87 3.69
C LEU A 186 0.23 -0.84 3.58
N ASP A 187 -0.96 -1.29 3.18
CA ASP A 187 -2.09 -0.40 3.07
C ASP A 187 -2.82 -0.40 4.40
N ASP A 188 -2.75 0.72 5.10
CA ASP A 188 -3.38 0.79 6.39
C ASP A 188 -4.37 1.91 6.47
N THR A 189 -5.66 1.57 6.45
CA THR A 189 -6.70 2.58 6.52
C THR A 189 -7.27 2.72 7.92
N SER A 190 -6.64 2.04 8.89
CA SER A 190 -7.12 2.07 10.28
C SER A 190 -6.79 3.35 11.04
N TRP A 191 -5.66 3.95 10.74
CA TRP A 191 -5.26 5.17 11.43
C TRP A 191 -6.19 6.34 11.13
N SER A 192 -6.78 6.37 9.94
CA SER A 192 -7.69 7.45 9.58
C SER A 192 -8.87 7.51 10.54
N TYR A 193 -9.33 6.35 10.99
CA TYR A 193 -10.46 6.28 11.91
C TYR A 193 -10.25 7.10 13.18
N LEU A 194 -9.11 6.92 13.83
CA LEU A 194 -8.82 7.67 15.05
C LEU A 194 -8.18 9.02 14.73
N CYS A 195 -8.75 9.72 13.75
CA CYS A 195 -8.24 11.04 13.33
C CYS A 195 -9.20 12.18 13.66
N SER A 196 -10.47 11.86 13.85
CA SER A 196 -11.49 12.86 14.15
C SER A 196 -12.78 12.24 14.67
N ASP A 197 -13.84 13.06 14.75
CA ASP A 197 -15.15 12.62 15.22
C ASP A 197 -15.09 11.81 16.51
N GLU A 198 -15.77 10.67 16.52
CA GLU A 198 -15.80 9.80 17.70
C GLU A 198 -16.28 10.59 18.92
N GLY A 207 -15.67 7.21 23.18
CA GLY A 207 -15.23 6.53 21.96
C GLY A 207 -14.82 5.10 22.25
N PHE A 208 -14.41 4.38 21.21
CA PHE A 208 -13.99 2.98 21.36
C PHE A 208 -12.72 2.85 22.22
N ASP A 209 -11.56 2.82 21.57
CA ASP A 209 -10.29 2.70 22.27
C ASP A 209 -9.32 3.80 21.85
N PRO A 210 -9.59 5.05 22.27
CA PRO A 210 -8.71 6.16 21.91
C PRO A 210 -7.40 6.16 22.69
N GLU A 211 -6.34 6.63 22.06
CA GLU A 211 -5.03 6.72 22.70
C GLU A 211 -4.60 5.39 23.29
N THR A 212 -4.51 4.38 22.45
CA THR A 212 -4.12 3.05 22.89
C THR A 212 -3.83 2.19 21.66
N LEU A 213 -4.64 2.39 20.63
CA LEU A 213 -4.48 1.64 19.38
C LEU A 213 -3.17 2.00 18.71
N GLN A 214 -2.85 3.30 18.67
CA GLN A 214 -1.61 3.76 18.04
C GLN A 214 -0.40 3.05 18.62
N GLU A 215 -0.54 2.56 19.85
CA GLU A 215 0.52 1.85 20.54
C GLU A 215 0.51 0.39 20.09
N THR A 216 -0.62 -0.30 20.29
CA THR A 216 -0.73 -1.68 19.88
C THR A 216 -0.27 -1.81 18.42
N TYR A 217 -0.74 -0.88 17.57
CA TYR A 217 -0.39 -0.85 16.15
C TYR A 217 1.08 -0.55 15.87
N LYS A 218 1.60 0.54 16.45
CA LYS A 218 3.00 0.90 16.23
C LYS A 218 3.91 -0.28 16.59
N ASN A 219 3.62 -0.94 17.69
CA ASN A 219 4.41 -2.09 18.11
C ASN A 219 4.14 -3.30 17.23
N LEU A 220 2.90 -3.40 16.76
CA LEU A 220 2.52 -4.51 15.88
C LEU A 220 3.26 -4.42 14.56
N ILE A 221 3.27 -3.21 13.98
CA ILE A 221 3.92 -2.94 12.72
C ILE A 221 5.42 -3.12 12.81
N ASN A 222 6.05 -2.44 13.76
CA ASN A 222 7.51 -2.55 13.88
C ASN A 222 7.91 -4.01 14.06
N GLU A 223 7.14 -4.74 14.86
CA GLU A 223 7.46 -6.15 15.08
C GLU A 223 7.27 -6.95 13.81
N ALA A 224 6.18 -6.69 13.09
CA ALA A 224 5.87 -7.38 11.84
C ALA A 224 6.99 -7.22 10.81
N ILE A 225 7.63 -6.05 10.81
CA ILE A 225 8.71 -5.78 9.88
C ILE A 225 10.08 -5.74 10.54
N LYS A 226 10.19 -6.34 11.72
CA LYS A 226 11.44 -6.40 12.47
C LYS A 226 12.57 -7.02 11.66
N HIS A 227 12.28 -8.12 10.97
CA HIS A 227 13.29 -8.81 10.18
C HIS A 227 13.24 -8.40 8.70
N LYS A 228 13.26 -7.10 8.45
CA LYS A 228 13.21 -6.57 7.09
C LYS A 228 14.61 -6.48 6.49
N PRO A 229 14.86 -7.20 5.39
CA PRO A 229 16.16 -7.20 4.71
C PRO A 229 16.60 -5.78 4.39
N ALA A 230 17.91 -5.60 4.31
CA ALA A 230 18.51 -4.30 4.02
C ALA A 230 18.13 -3.70 2.65
N ASP A 231 18.05 -4.54 1.62
CA ASP A 231 17.73 -4.07 0.27
C ASP A 231 16.25 -4.03 -0.07
N MSE A 232 15.40 -4.34 0.91
CA MSE A 232 13.97 -4.32 0.65
C MSE A 232 13.37 -3.04 1.22
O MSE A 232 13.71 -2.60 2.32
CB MSE A 232 13.29 -5.53 1.27
CG MSE A 232 11.79 -5.60 0.98
SE MSE A 232 10.87 -7.08 1.86
CE MSE A 232 11.28 -6.57 3.66
N VAL A 233 12.48 -2.41 0.44
CA VAL A 233 11.83 -1.17 0.87
C VAL A 233 10.41 -1.50 1.33
N ILE A 234 10.00 -0.95 2.46
CA ILE A 234 8.66 -1.19 2.94
C ILE A 234 7.96 0.13 3.21
N THR A 235 7.12 0.52 2.27
CA THR A 235 6.39 1.77 2.39
C THR A 235 5.02 1.51 2.99
N MSE A 236 4.43 2.57 3.51
CA MSE A 236 3.12 2.46 4.12
C MSE A 236 2.12 3.44 3.56
O MSE A 236 2.38 4.64 3.54
CB MSE A 236 3.23 2.70 5.62
CG MSE A 236 1.93 2.51 6.38
SE MSE A 236 2.19 1.44 7.98
CE MSE A 236 1.55 2.72 9.31
N HIS A 237 1.00 2.95 3.07
CA HIS A 237 -0.03 3.84 2.57
C HIS A 237 -1.07 4.04 3.68
N ILE A 238 -1.09 5.25 4.26
CA ILE A 238 -2.04 5.64 5.32
C ILE A 238 -3.23 6.23 4.57
N CYS A 239 -4.24 5.40 4.30
CA CYS A 239 -5.40 5.87 3.55
C CYS A 239 -6.38 6.69 4.39
N ARG A 240 -7.06 7.63 3.74
CA ARG A 240 -8.03 8.48 4.42
C ARG A 240 -9.44 7.88 4.30
N GLY A 251 -2.74 10.19 4.09
CA GLY A 251 -3.23 11.30 4.89
C GLY A 251 -2.67 11.30 6.30
N GLY A 252 -1.66 12.12 6.54
CA GLY A 252 -1.04 12.17 7.85
C GLY A 252 -1.63 13.18 8.82
N TYR A 253 -2.79 12.84 9.38
CA TYR A 253 -3.46 13.73 10.33
C TYR A 253 -2.52 14.12 11.48
N GLY A 254 -2.97 15.07 12.30
CA GLY A 254 -2.17 15.56 13.41
C GLY A 254 -1.96 14.58 14.53
N PRO A 255 -3.04 13.91 14.99
CA PRO A 255 -2.90 12.94 16.09
C PRO A 255 -1.93 11.81 15.75
N VAL A 256 -2.35 10.96 14.81
CA VAL A 256 -1.53 9.83 14.37
C VAL A 256 -0.39 10.30 13.49
N ALA A 257 0.37 11.26 13.98
CA ALA A 257 1.49 11.80 13.24
C ALA A 257 2.76 11.70 14.05
N GLU A 258 2.61 11.55 15.36
CA GLU A 258 3.75 11.45 16.28
C GLU A 258 4.39 10.07 16.21
N THR A 259 3.57 9.05 16.45
CA THR A 259 4.03 7.66 16.44
C THR A 259 4.23 7.14 15.01
N LEU A 260 3.54 7.76 14.05
CA LEU A 260 3.64 7.38 12.65
C LEU A 260 4.95 7.80 11.99
N PHE A 261 5.32 9.06 12.14
CA PHE A 261 6.55 9.51 11.52
C PHE A 261 7.74 9.52 12.47
N GLY A 262 7.48 9.31 13.76
CA GLY A 262 8.57 9.30 14.72
C GLY A 262 8.91 7.93 15.27
N LYS A 263 7.90 7.08 15.46
CA LYS A 263 8.12 5.75 16.02
C LYS A 263 8.13 4.60 15.01
N LEU A 264 7.30 4.69 13.98
CA LEU A 264 7.21 3.65 12.95
C LEU A 264 8.50 3.48 12.18
N ASN A 265 9.02 2.26 12.14
CA ASN A 265 10.28 1.98 11.43
C ASN A 265 10.11 1.65 9.96
N ILE A 266 9.38 2.52 9.26
CA ILE A 266 9.10 2.32 7.85
C ILE A 266 9.93 3.23 6.95
N ASP A 267 10.20 2.79 5.72
CA ASP A 267 11.01 3.57 4.81
C ASP A 267 10.35 4.79 4.21
N GLY A 268 9.14 4.63 3.71
CA GLY A 268 8.44 5.75 3.13
C GLY A 268 6.98 5.66 3.49
N PHE A 269 6.27 6.78 3.34
CA PHE A 269 4.83 6.86 3.65
C PHE A 269 4.04 7.52 2.53
N PHE A 270 2.97 6.87 2.07
CA PHE A 270 2.12 7.46 1.03
C PHE A 270 0.93 8.13 1.72
N LEU A 271 1.07 9.44 1.89
CA LEU A 271 0.09 10.33 2.54
C LEU A 271 -0.74 11.08 1.52
N GLU A 272 -2.06 11.03 1.63
CA GLU A 272 -2.90 11.74 0.67
C GLU A 272 -3.47 13.08 1.17
N TYR A 273 -3.49 14.09 0.29
CA TYR A 273 -3.98 15.41 0.65
C TYR A 273 -5.02 15.95 -0.36
N ASP A 274 -5.84 16.91 0.07
CA ASP A 274 -6.84 17.49 -0.82
C ASP A 274 -6.25 18.73 -1.49
N ASN A 275 -7.11 19.50 -2.17
CA ASN A 275 -6.68 20.71 -2.85
C ASN A 275 -6.67 21.88 -1.87
N GLU A 276 -7.60 21.85 -0.91
CA GLU A 276 -7.68 22.89 0.13
C GLU A 276 -7.26 22.28 1.45
N ARG A 277 -6.26 22.88 2.08
CA ARG A 277 -5.79 22.36 3.36
C ARG A 277 -6.37 23.16 4.52
N PHE A 281 1.61 23.45 6.05
CA PHE A 281 1.41 22.11 5.47
C PHE A 281 1.38 21.12 6.62
N ALA A 282 0.81 21.54 7.74
CA ALA A 282 0.73 20.70 8.94
C ALA A 282 2.15 20.41 9.43
N PRO A 283 2.60 21.12 10.49
CA PRO A 283 3.94 20.92 11.04
C PRO A 283 4.10 19.57 11.75
N LEU A 284 3.08 18.73 11.59
CA LEU A 284 3.09 17.41 12.19
C LEU A 284 4.28 16.57 11.71
N LYS A 285 5.06 17.12 10.79
CA LYS A 285 6.20 16.40 10.26
C LYS A 285 7.29 16.18 11.31
N TYR A 286 7.05 15.22 12.19
CA TYR A 286 7.98 14.87 13.25
C TYR A 286 9.04 13.93 12.68
N VAL A 287 9.16 13.96 11.36
CA VAL A 287 10.13 13.12 10.69
C VAL A 287 11.53 13.73 10.81
N THR A 288 12.33 13.13 11.68
CA THR A 288 13.69 13.60 11.90
C THR A 288 14.69 12.70 11.19
N ARG A 289 14.23 11.51 10.83
CA ARG A 289 15.06 10.53 10.13
C ARG A 289 15.31 11.01 8.71
N PRO A 290 16.58 11.19 8.34
CA PRO A 290 16.94 11.65 6.99
C PRO A 290 16.70 10.61 5.89
N ASP A 291 16.23 9.43 6.29
CA ASP A 291 15.96 8.37 5.33
C ASP A 291 14.47 8.04 5.25
N LEU A 292 13.66 8.75 6.03
CA LEU A 292 12.22 8.51 6.01
C LEU A 292 11.55 9.42 4.97
N LYS A 293 11.45 8.92 3.75
CA LYS A 293 10.84 9.69 2.68
C LYS A 293 9.33 9.58 2.71
N ILE A 294 8.64 10.71 2.56
CA ILE A 294 7.19 10.71 2.58
C ILE A 294 6.60 11.17 1.24
N VAL A 295 5.88 10.27 0.60
CA VAL A 295 5.27 10.60 -0.67
C VAL A 295 4.03 11.45 -0.42
N LEU A 296 3.91 12.52 -1.19
CA LEU A 296 2.79 13.47 -1.10
C LEU A 296 1.78 13.18 -2.21
N GLY A 297 0.59 12.73 -1.84
CA GLY A 297 -0.42 12.43 -2.82
C GLY A 297 -1.22 13.66 -3.17
N LEU A 298 -0.62 14.53 -3.96
CA LEU A 298 -1.25 15.79 -4.36
C LEU A 298 -2.04 15.73 -5.66
N ILE A 299 -2.03 14.59 -6.33
CA ILE A 299 -2.76 14.46 -7.60
C ILE A 299 -4.09 13.73 -7.42
N THR A 300 -5.20 14.44 -7.61
CA THR A 300 -6.54 13.85 -7.47
C THR A 300 -6.66 12.65 -8.38
N SER A 301 -6.97 11.51 -7.79
CA SER A 301 -7.10 10.27 -8.53
C SER A 301 -8.54 9.81 -8.68
N LYS A 302 -9.47 10.70 -8.33
CA LYS A 302 -10.89 10.39 -8.42
C LYS A 302 -11.62 11.31 -9.38
N THR A 303 -11.40 12.61 -9.24
CA THR A 303 -12.05 13.60 -10.09
C THR A 303 -11.25 13.89 -11.35
N GLY A 304 -10.65 15.08 -11.41
CA GLY A 304 -9.86 15.45 -12.57
C GLY A 304 -9.27 16.84 -12.42
N GLU A 305 -9.59 17.50 -11.31
CA GLU A 305 -9.09 18.84 -11.04
C GLU A 305 -8.52 18.93 -9.62
N GLU A 307 -6.33 19.92 -13.06
CA GLU A 307 -5.81 20.32 -11.75
C GLU A 307 -4.59 21.21 -11.83
N ASP A 308 -4.68 22.38 -11.20
CA ASP A 308 -3.61 23.38 -11.19
C ASP A 308 -2.23 22.75 -11.05
N GLU A 309 -1.22 23.45 -11.56
CA GLU A 309 0.15 22.95 -11.49
C GLU A 309 0.92 23.77 -10.45
N ALA A 310 0.67 25.07 -10.48
CA ALA A 310 1.32 26.00 -9.55
C ALA A 310 0.93 25.68 -8.11
N ALA A 311 -0.26 25.14 -7.93
CA ALA A 311 -0.74 24.79 -6.61
C ALA A 311 0.10 23.66 -6.03
N ILE A 312 0.24 22.58 -6.80
CA ILE A 312 1.04 21.41 -6.40
C ILE A 312 2.49 21.80 -6.08
N LYS A 313 3.09 22.59 -6.96
CA LYS A 313 4.47 23.05 -6.78
C LYS A 313 4.59 23.87 -5.50
N ALA A 314 3.58 24.70 -5.23
CA ALA A 314 3.61 25.52 -4.02
C ALA A 314 3.50 24.59 -2.83
N ARG A 315 2.49 23.72 -2.88
CA ARG A 315 2.22 22.73 -1.83
C ARG A 315 3.45 21.90 -1.49
N ILE A 316 4.15 21.41 -2.52
CA ILE A 316 5.36 20.63 -2.29
C ILE A 316 6.37 21.60 -1.65
N GLU A 317 6.57 22.74 -2.30
CA GLU A 317 7.46 23.78 -1.81
C GLU A 317 7.26 24.00 -0.32
N GLU A 318 6.00 24.12 0.10
CA GLU A 318 5.70 24.34 1.51
C GLU A 318 6.25 23.16 2.31
N ALA A 319 6.06 21.95 1.80
CA ALA A 319 6.53 20.75 2.47
C ALA A 319 8.05 20.74 2.59
N SER A 320 8.72 21.21 1.54
CA SER A 320 10.19 21.27 1.48
C SER A 320 10.76 22.17 2.55
N GLU A 321 9.89 23.02 3.10
CA GLU A 321 10.30 23.94 4.14
C GLU A 321 10.46 23.15 5.43
N ILE A 322 9.43 22.36 5.75
CA ILE A 322 9.40 21.54 6.96
C ILE A 322 10.34 20.34 6.91
N VAL A 323 10.43 19.68 5.75
CA VAL A 323 11.29 18.51 5.57
C VAL A 323 11.97 18.61 4.21
N PRO A 324 13.30 18.50 4.17
CA PRO A 324 14.07 18.59 2.93
C PRO A 324 13.46 17.96 1.67
N LEU A 325 13.47 18.71 0.58
CA LEU A 325 12.93 18.26 -0.70
C LEU A 325 13.64 16.98 -1.13
N SER A 326 14.86 16.81 -0.65
CA SER A 326 15.68 15.65 -0.95
C SER A 326 14.98 14.34 -0.57
N GLN A 327 14.10 14.40 0.41
CA GLN A 327 13.41 13.21 0.86
C GLN A 327 11.89 13.29 0.72
N LEU A 328 11.41 13.90 -0.35
CA LEU A 328 9.97 13.98 -0.56
C LEU A 328 9.65 13.38 -1.93
N ARG A 329 8.47 12.78 -2.03
CA ARG A 329 8.03 12.15 -3.27
C ARG A 329 6.62 12.61 -3.62
N LEU A 330 6.24 12.42 -4.86
CA LEU A 330 4.94 12.81 -5.36
C LEU A 330 4.18 11.59 -5.87
N SER A 331 2.86 11.71 -5.97
CA SER A 331 2.03 10.61 -6.43
C SER A 331 0.62 11.09 -6.38
N PRO A 332 -0.30 10.29 -6.91
CA PRO A 332 -1.68 10.76 -6.85
C PRO A 332 -2.15 10.42 -5.41
N GLN A 333 -3.23 11.04 -4.94
CA GLN A 333 -3.72 10.83 -3.58
C GLN A 333 -3.95 9.38 -3.11
N CYS A 334 -4.58 8.57 -3.95
CA CYS A 334 -4.83 7.16 -3.63
C CYS A 334 -4.60 6.34 -4.88
N GLY A 335 -4.98 5.07 -4.83
CA GLY A 335 -4.83 4.19 -5.98
C GLY A 335 -6.08 4.32 -6.83
N PHE A 336 -5.92 4.31 -8.14
CA PHE A 336 -7.03 4.42 -9.06
C PHE A 336 -7.91 3.18 -8.93
N ALA A 337 -9.10 3.35 -8.39
CA ALA A 337 -10.03 2.23 -8.21
C ALA A 337 -11.22 2.67 -7.38
N THR A 346 -12.12 7.44 -16.07
CA THR A 346 -11.90 6.76 -17.34
C THR A 346 -10.45 6.32 -17.40
N GLU A 347 -10.20 5.20 -18.05
CA GLU A 347 -8.84 4.70 -18.18
C GLU A 347 -7.88 5.74 -18.75
N GLU A 348 -8.28 6.38 -19.83
CA GLU A 348 -7.46 7.41 -20.48
C GLU A 348 -7.02 8.45 -19.45
N GLU A 349 -7.99 8.99 -18.73
CA GLU A 349 -7.71 10.00 -17.72
C GLU A 349 -6.66 9.52 -16.72
N GLN A 350 -6.78 8.25 -16.32
CA GLN A 350 -5.88 7.59 -15.36
C GLN A 350 -4.40 7.74 -15.72
N TRP A 351 -4.02 7.14 -16.84
CA TRP A 351 -2.63 7.18 -17.28
C TRP A 351 -2.17 8.60 -17.56
N ASP A 352 -3.10 9.48 -17.92
CA ASP A 352 -2.72 10.86 -18.18
C ASP A 352 -2.27 11.52 -16.89
N LYS A 353 -3.01 11.27 -15.82
CA LYS A 353 -2.64 11.84 -14.54
C LYS A 353 -1.31 11.22 -14.06
N LEU A 354 -0.99 10.02 -14.56
CA LEU A 354 0.27 9.37 -14.17
C LEU A 354 1.47 10.02 -14.87
N ARG A 355 1.31 10.31 -16.16
CA ARG A 355 2.35 10.94 -16.93
C ARG A 355 2.51 12.34 -16.31
N TYR A 356 1.43 12.84 -15.73
CA TYR A 356 1.44 14.14 -15.09
C TYR A 356 2.35 14.06 -13.84
N VAL A 357 2.25 12.95 -13.11
CA VAL A 357 3.08 12.73 -11.94
C VAL A 357 4.54 12.60 -12.40
N VAL A 358 4.76 11.88 -13.49
CA VAL A 358 6.12 11.69 -14.03
C VAL A 358 6.76 13.00 -14.50
N ARG A 359 5.95 13.87 -15.12
CA ARG A 359 6.44 15.15 -15.62
C ARG A 359 6.77 16.09 -14.47
N LEU A 360 5.80 16.24 -13.57
CA LEU A 360 6.00 17.11 -12.41
C LEU A 360 7.24 16.73 -11.60
N ALA A 361 7.33 15.45 -11.24
CA ALA A 361 8.45 14.95 -10.43
C ALA A 361 9.76 15.14 -11.18
N ASN A 362 9.68 15.18 -12.49
CA ASN A 362 10.89 15.33 -13.26
C ASN A 362 11.40 16.76 -13.18
N ASP A 363 10.55 17.72 -13.53
CA ASP A 363 11.00 19.11 -13.47
C ASP A 363 11.13 19.63 -12.03
N ILE A 364 10.68 18.85 -11.04
CA ILE A 364 10.81 19.28 -9.65
C ILE A 364 12.02 18.62 -9.04
N TRP A 365 12.13 17.31 -9.21
CA TRP A 365 13.26 16.58 -8.66
C TRP A 365 14.33 16.36 -9.71
N GLY A 366 15.58 16.25 -9.27
CA GLY A 366 16.67 16.06 -10.20
C GLY A 366 17.54 17.32 -10.32
N GLU A 367 18.38 17.53 -9.30
CA GLU A 367 19.28 18.67 -9.26
C GLU A 367 20.71 18.16 -9.32
P PO4 B . 0.87 16.36 7.30
O1 PO4 B . 1.31 17.31 6.35
O2 PO4 B . -0.57 16.38 7.49
O3 PO4 B . 1.35 14.91 6.83
O4 PO4 B . 1.54 16.40 8.66
#